data_5A99
#
_entry.id   5A99
#
_cell.length_a   102.720
_cell.length_b   102.720
_cell.length_c   102.720
_cell.angle_alpha   90.00
_cell.angle_beta   90.00
_cell.angle_gamma   90.00
#
_symmetry.space_group_name_H-M   'I 2 3'
#
loop_
_entity.id
_entity.type
_entity.pdbx_description
1 polymer Polyhedrin
2 non-polymer "ADENOSINE-5'-TRIPHOSPHATE"
3 non-polymer 'MAGNESIUM ION'
4 water water
#
_entity_poly.entity_id   1
_entity_poly.type   'polypeptide(L)'
_entity_poly.pdbx_seq_one_letter_code
;(ACE)AYHGAPHEIRNRYQHDRALEILDRQYSRDSYIYAHLVLYMKDSSLQIIRAQNPRIISRSYNWDQLVLPNYRINDE
KYYGRSELRHLRDGLLSDNGGRSQHDKGMNEPVSFQFIVQGDVDLGSVWFRVNKYNNISSSSFAMEAVSERAENYIGPLM
RPIRYFDREMAWSYVGKFDGILFPCHPVISFAVQRANRDGAGLYNGENIYKTLIRLNDSPDLYAHYDDEETSVANYWTRF
QYLYRTKCDIAV
;
_entity_poly.pdbx_strand_id   A
#
loop_
_chem_comp.id
_chem_comp.type
_chem_comp.name
_chem_comp.formula
ACE non-polymer 'ACETYL GROUP' 'C2 H4 O'
ATP non-polymer ADENOSINE-5'-TRIPHOSPHATE 'C10 H16 N5 O13 P3'
MG non-polymer 'MAGNESIUM ION' 'Mg 2'
#
# COMPACT_ATOMS: atom_id res chain seq x y z
C ACE A 1 27.04 52.44 -15.42
O ACE A 1 27.37 51.40 -15.98
CH3 ACE A 1 27.88 53.69 -15.53
N ALA A 2 25.95 52.53 -14.67
CA ALA A 2 25.01 51.40 -14.55
C ALA A 2 24.28 51.18 -15.86
N TYR A 3 23.92 49.92 -16.12
CA TYR A 3 23.25 49.57 -17.37
C TYR A 3 22.14 48.55 -17.19
N HIS A 4 21.04 48.78 -17.90
CA HIS A 4 19.92 47.84 -18.00
C HIS A 4 19.40 47.90 -19.42
N GLY A 5 19.31 46.74 -20.06
CA GLY A 5 18.88 46.72 -21.45
C GLY A 5 18.09 45.49 -21.84
N ALA A 6 17.77 44.63 -20.89
CA ALA A 6 17.05 43.40 -21.20
C ALA A 6 16.30 42.86 -20.00
N PRO A 7 15.28 42.04 -20.25
CA PRO A 7 14.53 41.36 -19.20
C PRO A 7 15.25 40.12 -18.68
N HIS A 8 14.97 39.73 -17.45
CA HIS A 8 15.40 38.45 -16.93
C HIS A 8 14.58 37.36 -17.63
N GLU A 9 15.01 36.11 -17.52
CA GLU A 9 14.28 35.00 -18.17
C GLU A 9 13.10 34.60 -17.31
N ILE A 10 12.04 35.40 -17.36
CA ILE A 10 10.90 35.19 -16.48
C ILE A 10 10.32 33.80 -16.65
N ARG A 11 10.06 33.41 -17.90
CA ARG A 11 9.44 32.13 -18.19
C ARG A 11 10.24 30.98 -17.58
N ASN A 12 11.55 31.05 -17.70
CA ASN A 12 12.43 30.01 -17.20
C ASN A 12 12.44 29.98 -15.66
N ARG A 13 12.46 31.17 -15.05
CA ARG A 13 12.46 31.28 -13.59
C ARG A 13 11.19 30.66 -13.03
N TYR A 14 10.06 30.98 -13.67
CA TYR A 14 8.78 30.40 -13.26
C TYR A 14 8.79 28.88 -13.40
N GLN A 15 9.46 28.37 -14.43
CA GLN A 15 9.55 26.91 -14.62
C GLN A 15 10.29 26.22 -13.47
N HIS A 16 11.42 26.80 -13.08
CA HIS A 16 12.17 26.31 -11.92
C HIS A 16 11.29 26.29 -10.68
N ASP A 17 10.57 27.39 -10.46
CA ASP A 17 9.68 27.55 -9.30
C ASP A 17 8.59 26.49 -9.32
N ARG A 18 8.08 26.19 -10.51
CA ARG A 18 7.05 25.18 -10.68
C ARG A 18 7.57 23.77 -10.42
N ALA A 19 8.79 23.50 -10.91
CA ALA A 19 9.42 22.21 -10.71
C ALA A 19 9.62 22.01 -9.21
N LEU A 20 10.14 23.02 -8.53
CA LEU A 20 10.28 22.96 -7.08
C LEU A 20 8.93 22.88 -6.38
N GLU A 21 7.96 23.66 -6.86
CA GLU A 21 6.62 23.58 -6.31
C GLU A 21 6.08 22.14 -6.26
N ILE A 22 6.33 21.37 -7.32
CA ILE A 22 5.79 20.01 -7.41
C ILE A 22 6.65 19.02 -6.61
N LEU A 23 7.97 19.13 -6.76
CA LEU A 23 8.90 18.30 -6.00
C LEU A 23 8.72 18.48 -4.50
N ASP A 24 8.39 19.71 -4.09
CA ASP A 24 8.28 20.02 -2.68
C ASP A 24 6.85 19.98 -2.14
N ARG A 25 5.86 19.77 -3.02
CA ARG A 25 4.45 19.77 -2.57
C ARG A 25 4.21 18.74 -1.48
N GLN A 26 4.93 17.62 -1.58
CA GLN A 26 4.78 16.52 -0.63
C GLN A 26 4.96 16.96 0.81
N TYR A 27 5.72 18.04 1.03
CA TYR A 27 5.94 18.56 2.37
C TYR A 27 4.74 19.34 2.91
N SER A 28 3.88 19.80 2.01
CA SER A 28 2.66 20.48 2.44
C SER A 28 1.69 19.51 3.09
N ARG A 29 1.11 19.94 4.21
CA ARG A 29 0.11 19.13 4.90
C ARG A 29 -1.16 19.00 4.05
N ASP A 30 -1.24 19.78 2.97
CA ASP A 30 -2.39 19.72 2.08
C ASP A 30 -2.09 18.94 0.81
N SER A 31 -1.07 18.11 0.86
CA SER A 31 -0.81 17.15 -0.20
C SER A 31 -1.16 15.78 0.36
N TYR A 32 -0.91 14.74 -0.44
CA TYR A 32 -1.26 13.39 -0.02
C TYR A 32 -0.07 12.50 0.32
N ILE A 33 -0.31 11.55 1.21
CA ILE A 33 0.57 10.41 1.33
C ILE A 33 -0.21 9.24 0.74
N TYR A 34 0.54 8.31 0.16
CA TYR A 34 -0.06 7.19 -0.55
C TYR A 34 0.51 5.88 -0.06
N ALA A 35 -0.37 4.88 0.00
CA ALA A 35 -0.01 3.53 0.36
C ALA A 35 -0.68 2.57 -0.64
N HIS A 36 0.15 1.86 -1.39
CA HIS A 36 -0.35 0.90 -2.37
C HIS A 36 -0.08 -0.51 -1.90
N LEU A 37 -1.12 -1.34 -1.93
CA LEU A 37 -0.94 -2.76 -1.73
C LEU A 37 -1.18 -3.40 -3.09
N VAL A 38 -0.12 -3.95 -3.66
CA VAL A 38 -0.18 -4.54 -4.99
C VAL A 38 -0.12 -6.04 -4.85
N LEU A 39 -1.13 -6.71 -5.37
CA LEU A 39 -1.21 -8.16 -5.25
C LEU A 39 -1.02 -8.82 -6.61
N TYR A 40 0.00 -9.67 -6.70
CA TYR A 40 0.26 -10.38 -7.93
C TYR A 40 -0.41 -11.74 -7.88
N MET A 41 -1.35 -11.92 -8.79
CA MET A 41 -2.24 -13.06 -8.72
C MET A 41 -1.67 -14.24 -9.52
N LYS A 42 -2.34 -15.38 -9.44
CA LYS A 42 -1.85 -16.62 -9.99
C LYS A 42 -1.90 -16.64 -11.53
N ASP A 43 -2.66 -15.71 -12.12
CA ASP A 43 -2.71 -15.60 -13.58
C ASP A 43 -1.79 -14.48 -14.08
N SER A 44 -0.98 -13.97 -13.16
CA SER A 44 -0.07 -12.83 -13.39
C SER A 44 -0.75 -11.49 -13.50
N SER A 45 -2.08 -11.47 -13.34
CA SER A 45 -2.79 -10.19 -13.27
C SER A 45 -2.46 -9.52 -11.94
N LEU A 46 -2.67 -8.21 -11.88
CA LEU A 46 -2.47 -7.46 -10.64
C LEU A 46 -3.78 -6.96 -10.09
N GLN A 47 -3.92 -7.07 -8.77
CA GLN A 47 -4.93 -6.32 -8.05
C GLN A 47 -4.22 -5.23 -7.24
N ILE A 48 -4.60 -3.99 -7.51
CA ILE A 48 -4.03 -2.83 -6.84
C ILE A 48 -5.03 -2.24 -5.87
N ILE A 49 -4.59 -2.05 -4.64
CA ILE A 49 -5.38 -1.36 -3.62
C ILE A 49 -4.58 -0.13 -3.22
N ARG A 50 -5.17 1.04 -3.44
CA ARG A 50 -4.55 2.29 -3.01
C ARG A 50 -5.32 2.94 -1.89
N ALA A 51 -4.61 3.20 -0.81
CA ALA A 51 -5.11 4.03 0.27
C ALA A 51 -4.40 5.38 0.19
N GLN A 52 -5.11 6.43 0.57
CA GLN A 52 -4.52 7.77 0.55
C GLN A 52 -5.21 8.68 1.56
N ASN A 53 -4.45 9.66 2.03
CA ASN A 53 -4.94 10.58 3.02
C ASN A 53 -3.98 11.78 3.13
N PRO A 54 -4.52 12.95 3.45
CA PRO A 54 -3.58 14.08 3.56
C PRO A 54 -2.65 13.94 4.76
N ARG A 55 -2.98 13.08 5.71
CA ARG A 55 -2.25 13.04 6.99
C ARG A 55 -1.91 11.66 7.52
N ILE A 56 -2.88 10.75 7.52
CA ILE A 56 -2.72 9.49 8.23
C ILE A 56 -3.48 8.36 7.56
N ILE A 57 -2.84 7.20 7.50
CA ILE A 57 -3.41 6.03 6.89
C ILE A 57 -3.29 4.85 7.84
N SER A 58 -4.44 4.30 8.23
CA SER A 58 -4.50 3.02 8.95
C SER A 58 -5.50 2.11 8.24
N ARG A 59 -5.05 0.95 7.75
CA ARG A 59 -5.91 0.07 6.97
C ARG A 59 -5.69 -1.37 7.32
N SER A 60 -6.75 -2.17 7.18
CA SER A 60 -6.60 -3.60 7.27
C SER A 60 -7.52 -4.27 6.25
N TYR A 61 -7.08 -5.42 5.76
CA TYR A 61 -7.81 -6.13 4.72
C TYR A 61 -7.91 -7.59 5.12
N ASN A 62 -9.14 -8.09 5.14
CA ASN A 62 -9.36 -9.49 5.42
C ASN A 62 -9.05 -10.30 4.15
N TRP A 63 -8.89 -11.61 4.31
CA TRP A 63 -8.56 -12.50 3.19
C TRP A 63 -9.50 -12.30 2.00
N ASP A 64 -10.79 -12.14 2.27
CA ASP A 64 -11.77 -12.02 1.19
C ASP A 64 -11.77 -10.62 0.57
N GLN A 65 -10.96 -9.72 1.09
CA GLN A 65 -10.78 -8.43 0.46
C GLN A 65 -9.47 -8.39 -0.30
N LEU A 66 -8.69 -9.47 -0.23
CA LEU A 66 -7.39 -9.56 -0.90
C LEU A 66 -7.39 -10.53 -2.08
N VAL A 67 -8.21 -11.57 -2.00
CA VAL A 67 -8.29 -12.54 -3.08
C VAL A 67 -8.94 -11.87 -4.30
N LEU A 68 -8.84 -12.51 -5.45
CA LEU A 68 -9.63 -12.11 -6.61
C LEU A 68 -10.18 -13.37 -7.30
N PRO A 69 -11.50 -13.41 -7.51
CA PRO A 69 -12.44 -12.29 -7.38
C PRO A 69 -12.86 -12.00 -5.95
N ASN A 70 -13.35 -10.77 -5.75
CA ASN A 70 -13.94 -10.37 -4.49
C ASN A 70 -15.11 -9.44 -4.76
N TYR A 71 -15.79 -9.00 -3.70
CA TYR A 71 -17.01 -8.20 -3.87
C TYR A 71 -16.73 -6.77 -4.40
N ARG A 72 -15.48 -6.31 -4.31
CA ARG A 72 -15.08 -5.03 -4.89
C ARG A 72 -14.64 -5.22 -6.35
N ILE A 73 -13.90 -6.30 -6.61
CA ILE A 73 -13.52 -6.70 -7.98
C ILE A 73 -14.01 -8.13 -8.25
N ASN A 74 -15.23 -8.22 -8.76
CA ASN A 74 -15.90 -9.49 -9.00
C ASN A 74 -15.95 -9.78 -10.51
N ASP A 75 -14.78 -9.91 -11.14
CA ASP A 75 -14.73 -10.05 -12.60
C ASP A 75 -14.20 -11.40 -13.06
N GLU A 76 -14.05 -12.34 -12.11
CA GLU A 76 -13.74 -13.72 -12.46
C GLU A 76 -14.68 -14.66 -11.66
N LYS A 77 -14.76 -15.92 -12.08
CA LYS A 77 -15.42 -16.96 -11.28
C LYS A 77 -14.65 -18.27 -11.35
N TYR A 78 -14.15 -18.72 -10.20
CA TYR A 78 -13.39 -19.96 -10.11
C TYR A 78 -14.07 -21.01 -9.23
N TYR A 79 -14.96 -20.58 -8.33
CA TYR A 79 -15.59 -21.51 -7.38
C TYR A 79 -17.06 -21.27 -7.14
N GLY A 80 -17.78 -22.35 -6.86
CA GLY A 80 -19.15 -22.26 -6.39
C GLY A 80 -19.16 -21.81 -4.94
N ARG A 81 -20.34 -21.46 -4.45
CA ARG A 81 -20.50 -20.92 -3.09
C ARG A 81 -20.00 -21.89 -2.05
N SER A 82 -20.30 -23.17 -2.25
CA SER A 82 -19.97 -24.19 -1.29
C SER A 82 -18.49 -24.48 -1.27
N GLU A 83 -17.90 -24.57 -2.47
CA GLU A 83 -16.47 -24.81 -2.60
C GLU A 83 -15.70 -23.72 -1.86
N LEU A 84 -16.12 -22.48 -2.04
CA LEU A 84 -15.41 -21.37 -1.42
C LEU A 84 -15.57 -21.44 0.09
N ARG A 85 -16.77 -21.81 0.55
CA ARG A 85 -17.03 -21.90 1.96
C ARG A 85 -16.10 -22.95 2.60
N HIS A 86 -16.00 -24.10 1.94
CA HIS A 86 -15.21 -25.21 2.46
C HIS A 86 -13.74 -24.83 2.56
N LEU A 87 -13.27 -24.13 1.54
CA LEU A 87 -11.90 -23.65 1.50
C LEU A 87 -11.61 -22.78 2.73
N ARG A 88 -12.48 -21.81 2.95
CA ARG A 88 -12.30 -20.86 4.05
C ARG A 88 -12.36 -21.56 5.39
N ASP A 89 -13.30 -22.51 5.51
CA ASP A 89 -13.40 -23.35 6.71
C ASP A 89 -12.01 -23.90 7.09
N GLY A 90 -11.29 -24.43 6.10
CA GLY A 90 -9.95 -24.97 6.33
C GLY A 90 -8.88 -23.93 6.59
N LEU A 91 -8.97 -22.78 5.95
CA LEU A 91 -7.96 -21.72 6.15
C LEU A 91 -8.09 -21.10 7.54
N LEU A 92 -9.30 -21.10 8.10
CA LEU A 92 -9.51 -20.55 9.43
C LEU A 92 -9.07 -21.49 10.54
N SER A 93 -9.41 -22.77 10.41
CA SER A 93 -9.24 -23.73 11.49
C SER A 93 -8.58 -25.01 10.98
N ASP A 94 -7.42 -25.35 11.56
CA ASP A 94 -6.64 -26.49 11.09
C ASP A 94 -7.49 -27.75 10.97
N ASN A 95 -7.63 -28.27 9.74
CA ASN A 95 -8.39 -29.50 9.47
C ASN A 95 -9.87 -29.40 9.78
N GLY A 96 -10.39 -28.17 9.81
CA GLY A 96 -11.78 -27.92 10.13
C GLY A 96 -12.67 -27.73 8.92
N GLY A 97 -12.08 -27.86 7.73
CA GLY A 97 -12.81 -27.71 6.48
C GLY A 97 -12.78 -28.98 5.65
N ARG A 98 -13.76 -29.13 4.75
CA ARG A 98 -13.85 -30.31 3.91
C ARG A 98 -13.39 -30.08 2.48
N SER A 99 -12.74 -28.94 2.23
CA SER A 99 -12.29 -28.58 0.91
C SER A 99 -11.36 -29.65 0.34
N GLN A 100 -11.34 -29.75 -0.99
CA GLN A 100 -10.34 -30.55 -1.68
C GLN A 100 -9.21 -29.65 -2.14
N HIS A 101 -9.28 -28.38 -1.74
CA HIS A 101 -8.32 -27.39 -2.21
C HIS A 101 -7.45 -26.89 -1.06
N ASP A 102 -6.14 -27.07 -1.20
CA ASP A 102 -5.18 -26.53 -0.23
C ASP A 102 -5.06 -25.02 -0.38
N LYS A 103 -5.02 -24.56 -1.63
CA LYS A 103 -4.88 -23.17 -1.96
C LYS A 103 -5.93 -22.80 -2.97
N GLY A 104 -6.33 -21.53 -2.98
CA GLY A 104 -7.34 -21.07 -3.91
C GLY A 104 -6.72 -20.44 -5.14
N MET A 105 -7.34 -20.69 -6.29
CA MET A 105 -6.97 -20.01 -7.51
C MET A 105 -7.13 -18.50 -7.34
N ASN A 106 -7.97 -18.11 -6.39
CA ASN A 106 -8.29 -16.70 -6.16
C ASN A 106 -7.25 -15.98 -5.31
N GLU A 107 -6.31 -16.73 -4.75
CA GLU A 107 -5.35 -16.17 -3.81
C GLU A 107 -4.10 -15.61 -4.48
N PRO A 108 -3.54 -14.53 -3.91
CA PRO A 108 -2.37 -13.85 -4.45
C PRO A 108 -1.10 -14.68 -4.24
N VAL A 109 -0.17 -14.55 -5.17
CA VAL A 109 1.10 -15.23 -5.08
C VAL A 109 2.08 -14.44 -4.23
N SER A 110 2.03 -13.12 -4.36
CA SER A 110 3.00 -12.27 -3.71
C SER A 110 2.46 -10.85 -3.71
N PHE A 111 3.21 -9.96 -3.09
CA PHE A 111 2.77 -8.58 -2.94
C PHE A 111 3.92 -7.59 -3.10
N GLN A 112 3.56 -6.34 -3.40
CA GLN A 112 4.48 -5.21 -3.25
C GLN A 112 3.74 -4.10 -2.51
N PHE A 113 4.35 -3.62 -1.43
CA PHE A 113 3.76 -2.55 -0.63
C PHE A 113 4.61 -1.30 -0.85
N ILE A 114 3.96 -0.22 -1.27
CA ILE A 114 4.64 1.04 -1.59
C ILE A 114 4.00 2.22 -0.88
N VAL A 115 4.83 2.96 -0.16
CA VAL A 115 4.41 4.21 0.47
C VAL A 115 5.13 5.34 -0.26
N GLN A 116 4.39 6.41 -0.52
CA GLN A 116 4.91 7.54 -1.27
C GLN A 116 4.40 8.86 -0.70
N GLY A 117 5.25 9.87 -0.75
CA GLY A 117 4.97 11.16 -0.16
C GLY A 117 6.01 11.46 0.90
N ASP A 118 5.79 12.54 1.66
CA ASP A 118 6.67 12.88 2.75
C ASP A 118 6.26 12.02 3.93
N VAL A 119 6.61 10.75 3.87
CA VAL A 119 6.15 9.83 4.89
C VAL A 119 7.11 9.79 6.08
N ASP A 120 6.52 9.56 7.25
CA ASP A 120 7.27 9.27 8.45
C ASP A 120 7.65 7.81 8.38
N LEU A 121 8.90 7.55 8.03
CA LEU A 121 9.36 6.18 7.83
C LEU A 121 9.27 5.35 9.11
N GLY A 122 9.44 6.00 10.26
CA GLY A 122 9.27 5.34 11.55
C GLY A 122 7.84 4.95 11.86
N SER A 123 6.90 5.42 11.05
CA SER A 123 5.50 5.05 11.25
C SER A 123 5.09 3.93 10.29
N VAL A 124 5.96 3.59 9.34
CA VAL A 124 5.57 2.59 8.35
C VAL A 124 5.51 1.19 8.97
N TRP A 125 4.31 0.63 9.01
CA TRP A 125 4.04 -0.62 9.70
C TRP A 125 3.23 -1.51 8.80
N PHE A 126 3.60 -2.78 8.72
CA PHE A 126 3.02 -3.68 7.74
C PHE A 126 3.05 -5.09 8.33
N ARG A 127 1.88 -5.74 8.39
CA ARG A 127 1.78 -7.04 9.04
C ARG A 127 0.84 -7.95 8.28
N VAL A 128 1.38 -9.07 7.81
CA VAL A 128 0.57 -10.11 7.19
C VAL A 128 0.24 -11.13 8.26
N ASN A 129 -0.99 -11.09 8.76
CA ASN A 129 -1.45 -12.14 9.66
C ASN A 129 -1.86 -13.38 8.87
N LYS A 130 -2.01 -14.49 9.58
CA LYS A 130 -2.67 -15.67 9.03
C LYS A 130 -4.16 -15.34 8.83
N TYR A 131 -4.86 -16.23 8.14
CA TYR A 131 -6.31 -16.09 7.97
C TYR A 131 -7.01 -15.86 9.32
N ASN A 132 -6.54 -16.56 10.36
CA ASN A 132 -7.22 -16.54 11.64
C ASN A 132 -7.11 -15.18 12.33
N ASN A 133 -6.22 -14.35 11.80
CA ASN A 133 -6.12 -12.93 12.16
C ASN A 133 -5.76 -12.69 13.63
N ILE A 134 -4.93 -13.56 14.19
CA ILE A 134 -4.39 -13.35 15.54
C ILE A 134 -2.94 -12.90 15.41
N SER A 135 -2.65 -11.78 16.04
CA SER A 135 -1.42 -11.06 15.80
C SER A 135 -0.27 -11.69 16.56
N SER A 136 0.74 -12.09 15.78
CA SER A 136 1.98 -12.65 16.31
C SER A 136 1.75 -13.82 17.25
N SER A 137 0.66 -14.57 17.04
CA SER A 137 0.32 -15.69 17.91
C SER A 137 -0.76 -16.57 17.28
N SER A 138 -0.90 -17.78 17.80
CA SER A 138 -2.08 -18.59 17.53
C SER A 138 -3.17 -18.36 18.60
N PHE A 139 -2.83 -17.58 19.63
CA PHE A 139 -3.70 -17.43 20.80
C PHE A 139 -4.09 -15.99 21.14
N ALA A 140 -5.37 -15.80 21.47
CA ALA A 140 -5.94 -14.51 21.80
C ALA A 140 -5.18 -13.74 22.89
N MET A 141 -4.87 -14.41 24.00
CA MET A 141 -4.26 -13.70 25.14
C MET A 141 -2.75 -13.50 24.94
N GLU A 142 -2.15 -14.36 24.12
CA GLU A 142 -0.72 -14.28 23.84
C GLU A 142 -0.44 -13.23 22.78
N ALA A 143 -1.45 -12.96 21.96
CA ALA A 143 -1.37 -12.04 20.83
C ALA A 143 -0.72 -10.70 21.22
N VAL A 144 0.10 -10.18 20.32
CA VAL A 144 0.82 -8.95 20.57
C VAL A 144 0.75 -8.02 19.37
N SER A 145 0.50 -6.75 19.63
CA SER A 145 0.23 -5.78 18.56
C SER A 145 1.47 -5.03 18.10
N GLU A 146 2.55 -5.15 18.86
CA GLU A 146 3.79 -4.44 18.55
C GLU A 146 4.97 -5.41 18.40
N ARG A 147 5.40 -5.60 17.15
CA ARG A 147 6.58 -6.41 16.84
C ARG A 147 7.48 -5.63 15.89
N ALA A 148 8.77 -5.51 16.27
CA ALA A 148 9.75 -4.76 15.51
C ALA A 148 9.80 -5.21 14.04
N GLU A 149 9.55 -6.49 13.82
CA GLU A 149 9.63 -7.07 12.47
C GLU A 149 8.67 -6.37 11.52
N ASN A 150 7.55 -5.91 12.07
CA ASN A 150 6.52 -5.28 11.26
C ASN A 150 6.77 -3.79 10.97
N TYR A 151 7.79 -3.22 11.61
CA TYR A 151 8.21 -1.85 11.32
C TYR A 151 9.27 -1.91 10.23
N ILE A 152 8.78 -1.93 8.99
CA ILE A 152 9.55 -2.39 7.84
C ILE A 152 10.38 -1.32 7.14
N GLY A 153 10.29 -0.07 7.61
CA GLY A 153 10.97 1.05 6.98
C GLY A 153 12.35 0.77 6.40
N PRO A 154 13.26 0.25 7.22
CA PRO A 154 14.65 0.07 6.75
C PRO A 154 14.79 -1.10 5.77
N LEU A 155 13.84 -2.02 5.80
CA LEU A 155 13.86 -3.15 4.88
C LEU A 155 13.39 -2.75 3.50
N MET A 156 12.84 -1.54 3.39
CA MET A 156 12.28 -1.11 2.12
C MET A 156 13.38 -0.56 1.22
N ARG A 157 13.08 -0.52 -0.07
CA ARG A 157 13.99 0.00 -1.07
C ARG A 157 13.35 1.22 -1.69
N PRO A 158 14.02 2.37 -1.53
CA PRO A 158 13.49 3.64 -2.01
C PRO A 158 13.44 3.70 -3.52
N ILE A 159 12.55 4.55 -4.03
CA ILE A 159 12.47 4.84 -5.45
C ILE A 159 12.66 6.35 -5.62
N ARG A 160 13.51 6.73 -6.57
CA ARG A 160 13.93 8.12 -6.69
C ARG A 160 13.24 8.83 -7.85
N TYR A 161 13.03 10.13 -7.66
CA TYR A 161 12.43 10.99 -8.66
C TYR A 161 13.23 12.28 -8.64
N PHE A 162 13.82 12.61 -9.78
CA PHE A 162 14.80 13.69 -9.87
C PHE A 162 15.78 13.57 -8.70
N ASP A 163 16.27 12.35 -8.48
CA ASP A 163 17.30 12.07 -7.49
C ASP A 163 16.85 12.13 -6.03
N ARG A 164 15.57 12.39 -5.79
CA ARG A 164 15.03 12.43 -4.44
C ARG A 164 14.30 11.14 -4.10
N GLU A 165 14.58 10.59 -2.92
CA GLU A 165 13.83 9.46 -2.42
C GLU A 165 12.42 9.96 -2.14
N MET A 166 11.44 9.46 -2.88
CA MET A 166 10.08 9.92 -2.68
C MET A 166 9.05 8.79 -2.53
N ALA A 167 9.50 7.55 -2.69
CA ALA A 167 8.66 6.41 -2.42
C ALA A 167 9.52 5.24 -1.95
N TRP A 168 8.90 4.32 -1.21
CA TRP A 168 9.58 3.19 -0.63
C TRP A 168 8.81 1.88 -0.86
N SER A 169 9.55 0.84 -1.24
CA SER A 169 8.95 -0.41 -1.65
C SER A 169 9.40 -1.62 -0.85
N TYR A 170 8.42 -2.46 -0.53
CA TYR A 170 8.64 -3.70 0.20
C TYR A 170 7.89 -4.81 -0.53
N VAL A 171 8.53 -5.96 -0.70
CA VAL A 171 7.90 -7.08 -1.39
C VAL A 171 8.10 -8.40 -0.66
N GLY A 172 7.22 -9.35 -0.96
CA GLY A 172 7.32 -10.67 -0.36
C GLY A 172 6.37 -11.65 -1.01
N LYS A 173 6.59 -12.94 -0.72
CA LYS A 173 5.76 -14.01 -1.25
C LYS A 173 4.82 -14.59 -0.20
N PHE A 174 3.59 -14.87 -0.60
CA PHE A 174 2.67 -15.58 0.26
C PHE A 174 2.85 -17.09 0.07
N ASP A 175 4.05 -17.58 0.37
CA ASP A 175 4.35 -19.00 0.26
C ASP A 175 4.54 -19.65 1.63
N GLY A 176 4.12 -18.94 2.68
CA GLY A 176 4.14 -19.48 4.03
C GLY A 176 5.51 -19.53 4.71
N ILE A 177 6.58 -19.21 3.99
CA ILE A 177 7.93 -19.30 4.55
C ILE A 177 8.28 -18.12 5.45
N LEU A 178 8.05 -16.90 4.98
CA LEU A 178 8.23 -15.71 5.81
C LEU A 178 6.90 -14.98 6.00
N PHE A 179 5.96 -15.22 5.11
CA PHE A 179 4.64 -14.60 5.19
C PHE A 179 3.61 -15.68 5.01
N PRO A 180 2.49 -15.58 5.74
CA PRO A 180 1.41 -16.55 5.63
C PRO A 180 0.97 -16.79 4.17
N CYS A 181 0.69 -18.06 3.85
CA CYS A 181 0.14 -18.43 2.54
C CYS A 181 -1.22 -17.84 2.27
N HIS A 182 -2.02 -17.68 3.33
CA HIS A 182 -3.42 -17.26 3.23
C HIS A 182 -3.57 -16.02 4.09
N PRO A 183 -3.30 -14.87 3.48
CA PRO A 183 -2.99 -13.63 4.21
C PRO A 183 -4.19 -12.80 4.63
N VAL A 184 -4.01 -12.14 5.78
CA VAL A 184 -4.80 -11.00 6.21
C VAL A 184 -3.76 -9.88 6.28
N ILE A 185 -4.09 -8.68 5.82
CA ILE A 185 -3.07 -7.65 5.75
C ILE A 185 -3.47 -6.35 6.42
N SER A 186 -2.60 -5.88 7.33
CA SER A 186 -2.77 -4.61 8.03
C SER A 186 -1.55 -3.70 7.77
N PHE A 187 -1.78 -2.41 7.56
CA PHE A 187 -0.68 -1.45 7.49
C PHE A 187 -1.08 -0.05 7.94
N ALA A 188 -0.06 0.76 8.20
CA ALA A 188 -0.26 2.13 8.63
C ALA A 188 0.93 2.95 8.24
N VAL A 189 0.68 4.23 8.04
CA VAL A 189 1.73 5.19 7.80
C VAL A 189 1.14 6.60 7.95
N GLN A 190 1.93 7.51 8.52
CA GLN A 190 1.52 8.91 8.65
C GLN A 190 2.54 9.78 7.93
N ARG A 191 2.15 11.02 7.64
CA ARG A 191 3.10 11.95 7.03
C ARG A 191 4.10 12.36 8.09
N ALA A 192 5.31 12.68 7.65
CA ALA A 192 6.37 13.13 8.52
C ALA A 192 6.01 14.45 9.21
N ASN A 193 6.26 14.53 10.50
CA ASN A 193 6.21 15.82 11.18
C ASN A 193 7.47 16.00 12.02
N ARG A 194 8.33 16.92 11.58
CA ARG A 194 9.63 17.12 12.19
C ARG A 194 9.59 18.26 13.19
N ASP A 195 8.44 18.94 13.25
CA ASP A 195 8.25 20.06 14.19
C ASP A 195 7.46 19.68 15.44
N GLY A 196 7.37 20.63 16.37
CA GLY A 196 6.86 20.34 17.70
C GLY A 196 5.34 20.12 17.76
N ALA A 197 4.60 20.89 16.98
CA ALA A 197 3.15 20.89 17.02
C ALA A 197 2.56 19.71 16.25
N GLY A 198 2.06 18.72 16.99
CA GLY A 198 1.52 17.53 16.39
C GLY A 198 0.18 17.73 15.70
N LEU A 199 -0.03 17.00 14.62
CA LEU A 199 -1.25 17.09 13.82
C LEU A 199 -2.42 16.39 14.52
N TYR A 200 -2.14 15.78 15.66
CA TYR A 200 -3.20 15.24 16.51
C TYR A 200 -3.28 15.99 17.83
N ASN A 201 -2.67 17.18 17.89
CA ASN A 201 -2.75 17.99 19.10
C ASN A 201 -4.10 18.70 19.21
N GLY A 202 -4.27 19.49 20.26
CA GLY A 202 -5.55 20.13 20.52
C GLY A 202 -6.11 20.93 19.37
N GLU A 203 -5.23 21.58 18.60
CA GLU A 203 -5.67 22.50 17.54
C GLU A 203 -5.75 21.84 16.14
N ASN A 204 -5.09 20.69 15.97
CA ASN A 204 -4.97 20.07 14.66
C ASN A 204 -5.79 18.80 14.53
N ILE A 205 -6.22 18.26 15.67
CA ILE A 205 -6.96 17.02 15.69
C ILE A 205 -8.28 17.09 14.90
N TYR A 206 -8.94 18.26 14.93
CA TYR A 206 -10.14 18.44 14.12
C TYR A 206 -9.88 18.03 12.67
N LYS A 207 -8.90 18.64 12.03
CA LYS A 207 -8.66 18.36 10.61
C LYS A 207 -8.33 16.89 10.37
N THR A 208 -7.57 16.28 11.27
CA THR A 208 -7.22 14.88 11.13
C THR A 208 -8.48 13.99 11.10
N LEU A 209 -9.35 14.17 12.10
CA LEU A 209 -10.59 13.40 12.21
C LEU A 209 -11.59 13.69 11.08
N ILE A 210 -11.78 14.95 10.72
CA ILE A 210 -12.76 15.31 9.70
C ILE A 210 -12.36 14.76 8.33
N ARG A 211 -11.07 14.50 8.14
CA ARG A 211 -10.55 13.92 6.89
C ARG A 211 -10.00 12.50 7.07
N LEU A 212 -10.45 11.82 8.12
CA LEU A 212 -9.94 10.49 8.43
C LEU A 212 -10.29 9.52 7.29
N ASN A 213 -11.48 9.70 6.74
CA ASN A 213 -11.92 8.95 5.56
C ASN A 213 -12.00 9.86 4.34
N ASP A 214 -10.96 10.68 4.19
CA ASP A 214 -10.84 11.64 3.10
C ASP A 214 -11.12 11.04 1.73
N SER A 215 -10.56 9.86 1.47
CA SER A 215 -10.64 9.25 0.16
C SER A 215 -10.95 7.78 0.32
N PRO A 216 -11.79 7.24 -0.57
CA PRO A 216 -12.03 5.80 -0.43
C PRO A 216 -10.81 5.04 -0.93
N ASP A 217 -10.62 3.81 -0.48
CA ASP A 217 -9.57 2.98 -1.05
C ASP A 217 -9.95 2.71 -2.50
N LEU A 218 -8.96 2.79 -3.39
CA LEU A 218 -9.20 2.47 -4.78
C LEU A 218 -8.79 1.03 -5.05
N TYR A 219 -9.68 0.28 -5.68
CA TYR A 219 -9.40 -1.08 -6.14
C TYR A 219 -9.29 -1.09 -7.66
N ALA A 220 -8.25 -1.71 -8.19
CA ALA A 220 -8.05 -1.81 -9.64
C ALA A 220 -7.53 -3.18 -10.02
N HIS A 221 -7.91 -3.64 -11.20
CA HIS A 221 -7.49 -4.93 -11.74
C HIS A 221 -6.83 -4.72 -13.12
N TYR A 222 -5.58 -5.15 -13.24
CA TYR A 222 -4.83 -4.98 -14.49
C TYR A 222 -4.37 -6.33 -15.07
N ASP A 223 -4.44 -6.43 -16.39
CA ASP A 223 -4.08 -7.63 -17.14
C ASP A 223 -2.78 -8.27 -16.64
N ASP A 224 -1.72 -7.46 -16.56
CA ASP A 224 -0.45 -7.84 -15.94
C ASP A 224 0.30 -6.59 -15.56
N GLU A 225 1.53 -6.77 -15.07
CA GLU A 225 2.30 -5.65 -14.53
C GLU A 225 2.56 -4.54 -15.55
N GLU A 226 2.92 -4.89 -16.78
CA GLU A 226 3.18 -3.87 -17.80
C GLU A 226 1.93 -3.03 -18.05
N THR A 227 0.77 -3.66 -18.05
CA THR A 227 -0.46 -2.91 -18.28
C THR A 227 -0.61 -1.85 -17.21
N SER A 228 -0.38 -2.22 -15.95
CA SER A 228 -0.44 -1.28 -14.83
C SER A 228 0.62 -0.18 -14.96
N VAL A 229 1.82 -0.54 -15.41
CA VAL A 229 2.89 0.45 -15.61
C VAL A 229 2.40 1.48 -16.63
N ALA A 230 1.87 0.99 -17.75
CA ALA A 230 1.37 1.84 -18.82
C ALA A 230 0.16 2.69 -18.43
N ASN A 231 -0.81 2.09 -17.74
CA ASN A 231 -2.10 2.72 -17.57
C ASN A 231 -2.37 3.29 -16.18
N TYR A 232 -1.42 3.11 -15.28
CA TYR A 232 -1.62 3.50 -13.88
C TYR A 232 -0.39 4.17 -13.29
N TRP A 233 0.68 3.42 -13.12
CA TRP A 233 1.83 3.93 -12.39
C TRP A 233 2.42 5.19 -13.04
N THR A 234 2.82 5.09 -14.31
CA THR A 234 3.39 6.23 -15.01
C THR A 234 2.33 7.34 -15.20
N ARG A 235 1.12 6.94 -15.53
CA ARG A 235 0.02 7.88 -15.78
C ARG A 235 -0.28 8.79 -14.60
N PHE A 236 -0.30 8.22 -13.40
CA PHE A 236 -0.76 8.92 -12.20
C PHE A 236 0.38 9.43 -11.33
N GLN A 237 1.62 9.21 -11.76
CA GLN A 237 2.79 9.68 -11.00
C GLN A 237 2.93 8.93 -9.67
N TYR A 238 2.61 7.64 -9.71
CA TYR A 238 2.87 6.76 -8.59
C TYR A 238 4.14 5.96 -8.87
N LEU A 239 5.17 6.20 -8.06
CA LEU A 239 6.45 5.53 -8.22
C LEU A 239 6.27 4.04 -8.00
N TYR A 240 6.98 3.23 -8.79
CA TYR A 240 6.74 1.80 -8.83
C TYR A 240 7.95 1.03 -9.31
N ARG A 241 8.11 -0.18 -8.78
CA ARG A 241 9.23 -1.05 -9.09
C ARG A 241 8.71 -2.33 -9.75
N THR A 242 9.17 -2.61 -10.97
CA THR A 242 8.73 -3.78 -11.72
C THR A 242 9.41 -5.09 -11.29
N LYS A 243 8.93 -6.21 -11.83
CA LYS A 243 9.50 -7.53 -11.50
C LYS A 243 10.98 -7.58 -11.81
N CYS A 244 11.38 -6.92 -12.90
CA CYS A 244 12.76 -6.92 -13.35
C CYS A 244 13.55 -5.80 -12.67
N ASP A 245 12.86 -5.12 -11.75
CA ASP A 245 13.46 -4.09 -10.93
C ASP A 245 13.74 -2.78 -11.66
N ILE A 246 12.79 -2.33 -12.46
CA ILE A 246 12.92 -1.04 -13.10
C ILE A 246 12.06 -0.06 -12.33
N ALA A 247 12.63 1.11 -12.06
CA ALA A 247 11.95 2.17 -11.34
C ALA A 247 11.20 3.03 -12.34
N VAL A 248 9.87 2.88 -12.33
CA VAL A 248 9.01 3.58 -13.28
C VAL A 248 8.10 4.58 -12.55
PG ATP B . 23.08 62.89 -11.34
O1G ATP B . 23.64 64.27 -11.18
O2G ATP B . 23.40 62.00 -10.17
O3G ATP B . 21.63 62.86 -11.79
PB ATP B . 24.49 62.82 -13.87
O1B ATP B . 23.93 64.20 -14.11
O2B ATP B . 25.99 62.61 -13.88
O3B ATP B . 23.87 62.15 -12.55
PA ATP B . 22.62 62.02 -15.91
O1A ATP B . 21.39 62.17 -15.02
O2A ATP B . 22.84 63.00 -17.02
O3A ATP B . 23.96 61.84 -15.03
O5' ATP B . 22.65 60.52 -16.51
C5' ATP B . 22.83 60.28 -17.90
C4' ATP B . 22.83 58.78 -18.15
O4' ATP B . 23.87 58.11 -17.42
C3' ATP B . 21.52 58.16 -17.71
O3' ATP B . 21.01 57.39 -18.80
C2' ATP B . 21.89 57.28 -16.55
O2' ATP B . 21.06 56.13 -16.51
C1' ATP B . 23.33 56.93 -16.85
N9 ATP B . 24.12 56.56 -15.65
C8 ATP B . 24.86 55.43 -15.54
N7 ATP B . 25.48 55.39 -14.33
C5 ATP B . 25.14 56.51 -13.67
C6 ATP B . 25.45 57.06 -12.34
N6 ATP B . 26.27 56.39 -11.50
N1 ATP B . 24.90 58.26 -12.03
C2 ATP B . 24.10 58.92 -12.87
N3 ATP B . 23.77 58.46 -14.10
C4 ATP B . 24.25 57.29 -14.55
H5'1 ATP B . 23.78 60.71 -18.23
H5'2 ATP B . 22.03 60.75 -18.46
H4' ATP B . 22.96 58.61 -19.23
H3' ATP B . 20.81 58.94 -17.40
HO3' ATP B . 20.17 56.98 -18.54
H2' ATP B . 21.83 57.86 -15.60
HO2' ATP B . 20.14 56.40 -16.38
H1' ATP B . 23.35 56.12 -17.58
H8 ATP B . 24.93 54.68 -16.30
HN61 ATP B . 26.66 55.50 -11.78
HN62 ATP B . 26.48 56.77 -10.59
H2 ATP B . 23.69 59.87 -12.55
MG MG C . 23.65 65.82 -12.66
#